data_7TOH
#
_entry.id   7TOH
#
_cell.length_a   57.610
_cell.length_b   42.810
_cell.length_c   76.700
_cell.angle_alpha   90.000
_cell.angle_beta   108.440
_cell.angle_gamma   90.000
#
_symmetry.space_group_name_H-M   'P 1 21 1'
#
loop_
_entity.id
_entity.type
_entity.pdbx_description
1 polymer 'SGNH hydrolase'
2 branched '4-O-methyl-alpha-D-glucopyranuronic acid-(1-2)-beta-D-xylopyranose'
3 water water
#
_entity_poly.entity_id   1
_entity_poly.type   'polypeptide(L)'
_entity_poly.pdbx_seq_one_letter_code
;(MSE)QNKTTASKSWVGTWATAPQLVEPRN(MSE)PPAPGLTNSTLRQVVCVSIGGKQLQFRFSNRFSKSPVT(MSE)KT
VHIAVSKGGSEIEPSTSKELTFNGQPDVT(MSE)EPGKAVISDPISFNLKPR(MSE)LVAITISFGETSPDVTGHPGSRT
TSYLLAGDQSSPDADFSQAVKTDHWYVINGIDL(MSE)AQKRAAAIAILGNSITDGRGSGTNKQDRWPDELALRLLKNKR
TRDIGVLN(MSE)GIGGNCVLHGGLGPTALSRFNRDILKQHGVRWLIIFEGVNDIGGTPDKEAADKVAQGLIAAYDK
(MSE)IDEAHAKGIKVYGGTITPIKKSFYYKDYRETARQTVNKWIRTSGHFDAVIDFDKA(MSE)RNPKDTLTLRPEAQS
GDYLHPNELGYRI(MSE)AGAIDLSLFKE
;
_entity_poly.pdbx_strand_id   A
#
loop_
_chem_comp.id
_chem_comp.type
_chem_comp.name
_chem_comp.formula
GCV D-saccharide, alpha linking '4-O-methyl-alpha-D-glucopyranuronic acid' 'C7 H12 O7'
XYP D-saccharide, beta linking beta-D-xylopyranose 'C5 H10 O5'
#
# COMPACT_ATOMS: atom_id res chain seq x y z
N SER A 8 24.09 6.19 -14.73
CA SER A 8 24.01 4.81 -14.26
C SER A 8 22.98 4.62 -13.11
N LYS A 9 22.43 5.70 -12.57
CA LYS A 9 21.39 5.61 -11.54
C LYS A 9 20.04 6.01 -12.14
N SER A 10 18.97 5.42 -11.60
CA SER A 10 17.62 5.76 -12.02
C SER A 10 16.70 5.59 -10.83
N TRP A 11 15.47 6.07 -10.97
CA TRP A 11 14.55 6.06 -9.83
C TRP A 11 14.05 4.65 -9.50
N VAL A 12 14.00 4.34 -8.20
CA VAL A 12 13.44 3.09 -7.69
CA VAL A 12 13.41 3.11 -7.71
C VAL A 12 12.51 3.46 -6.54
N GLY A 13 11.29 2.92 -6.54
CA GLY A 13 10.38 3.21 -5.45
C GLY A 13 10.83 2.57 -4.15
N THR A 14 10.63 3.30 -3.05
CA THR A 14 10.88 2.74 -1.72
C THR A 14 9.65 2.70 -0.85
N TRP A 15 8.70 3.57 -1.09
CA TRP A 15 7.43 3.56 -0.35
C TRP A 15 6.36 4.07 -1.30
N ALA A 16 5.16 3.45 -1.25
CA ALA A 16 4.03 4.05 -1.94
C ALA A 16 2.77 3.66 -1.20
N THR A 17 1.67 4.35 -1.54
CA THR A 17 0.37 3.95 -1.01
C THR A 17 -0.64 4.18 -2.12
N ALA A 18 -1.63 3.29 -2.23
CA ALA A 18 -2.55 3.35 -3.37
C ALA A 18 -3.66 4.37 -3.12
N PRO A 19 -3.89 5.31 -4.03
CA PRO A 19 -4.89 6.36 -3.81
C PRO A 19 -6.30 5.92 -4.17
N GLN A 20 -7.26 6.67 -3.61
CA GLN A 20 -8.67 6.47 -3.91
C GLN A 20 -9.41 7.75 -3.53
N LEU A 21 -10.67 7.82 -3.93
CA LEU A 21 -11.54 8.84 -3.36
C LEU A 21 -11.87 8.47 -1.92
N VAL A 22 -11.62 9.37 -0.98
CA VAL A 22 -11.91 9.09 0.42
C VAL A 22 -13.42 9.13 0.65
N GLU A 23 -13.94 8.12 1.32
CA GLU A 23 -15.36 8.05 1.66
C GLU A 23 -15.67 9.05 2.79
N PRO A 24 -16.92 9.56 2.87
CA PRO A 24 -17.25 10.53 3.94
C PRO A 24 -16.81 10.09 5.36
N ARG A 25 -16.99 8.82 5.69
CA ARG A 25 -16.65 8.33 7.02
C ARG A 25 -15.16 8.38 7.29
N ASN A 26 -14.33 8.42 6.25
CA ASN A 26 -12.88 8.48 6.39
C ASN A 26 -12.31 9.87 6.11
N MSE A 27 -13.15 10.90 6.00
CA MSE A 27 -12.66 12.25 5.87
C MSE A 27 -11.92 12.77 7.08
O MSE A 27 -12.13 12.29 8.18
CB MSE A 27 -13.83 13.21 5.49
CG MSE A 27 -14.36 12.83 4.13
SE MSE A 27 -13.24 13.65 2.78
CE MSE A 27 -13.59 15.52 3.18
N PRO A 28 -11.05 13.76 6.87
CA PRO A 28 -10.32 14.36 7.98
C PRO A 28 -11.28 14.97 8.99
N PRO A 29 -10.98 14.87 10.29
CA PRO A 29 -11.79 15.56 11.29
C PRO A 29 -11.61 17.07 11.19
N ALA A 30 -12.45 17.82 11.89
CA ALA A 30 -12.19 19.24 12.05
C ALA A 30 -10.78 19.40 12.60
N PRO A 31 -9.99 20.36 12.13
CA PRO A 31 -10.40 21.54 11.36
C PRO A 31 -10.36 21.30 9.86
N GLY A 32 -10.25 20.07 9.34
CA GLY A 32 -10.21 19.84 7.90
C GLY A 32 -8.89 20.23 7.28
N LEU A 33 -8.71 19.91 5.99
CA LEU A 33 -7.40 20.15 5.38
C LEU A 33 -7.21 21.58 4.89
N THR A 34 -8.26 22.25 4.47
CA THR A 34 -8.11 23.59 3.90
C THR A 34 -7.51 24.52 4.93
N ASN A 35 -6.45 25.24 4.54
CA ASN A 35 -5.80 26.18 5.41
C ASN A 35 -5.33 25.55 6.73
N SER A 36 -4.94 24.29 6.66
CA SER A 36 -4.44 23.56 7.83
C SER A 36 -3.10 22.91 7.49
N THR A 37 -2.46 22.34 8.50
CA THR A 37 -1.19 21.65 8.34
C THR A 37 -1.33 20.22 8.83
N LEU A 38 -0.88 19.29 8.00
CA LEU A 38 -1.08 17.87 8.24
C LEU A 38 0.28 17.19 8.25
N ARG A 39 0.60 16.50 9.33
CA ARG A 39 1.84 15.72 9.43
C ARG A 39 1.50 14.23 9.28
N GLN A 40 2.22 13.56 8.39
CA GLN A 40 1.99 12.14 8.13
C GLN A 40 3.32 11.41 8.26
N VAL A 41 3.27 10.14 8.64
CA VAL A 41 4.47 9.33 8.83
C VAL A 41 4.39 8.12 7.91
N VAL A 42 5.49 7.86 7.20
CA VAL A 42 5.59 6.69 6.34
C VAL A 42 6.86 5.94 6.70
N CYS A 43 6.91 4.66 6.38
CA CYS A 43 8.07 3.81 6.67
C CYS A 43 8.63 3.29 5.34
N VAL A 44 9.80 3.75 4.94
CA VAL A 44 10.38 3.36 3.67
C VAL A 44 10.94 1.94 3.75
N SER A 45 11.36 1.40 2.60
CA SER A 45 11.99 0.10 2.56
C SER A 45 13.49 0.33 2.38
N ILE A 46 13.98 0.36 1.14
CA ILE A 46 15.38 0.66 0.89
C ILE A 46 15.69 2.13 1.20
N GLY A 47 16.94 2.35 1.54
CA GLY A 47 17.45 3.70 1.76
C GLY A 47 18.14 4.24 0.52
N GLY A 48 18.57 5.50 0.63
CA GLY A 48 19.27 6.15 -0.47
C GLY A 48 19.57 7.58 -0.11
N LYS A 49 20.01 8.38 -1.09
CA LYS A 49 20.49 9.74 -0.82
C LYS A 49 19.81 10.85 -1.60
N GLN A 50 19.17 10.55 -2.72
CA GLN A 50 18.48 11.54 -3.54
C GLN A 50 17.08 11.01 -3.77
N LEU A 51 16.10 11.78 -3.35
CA LEU A 51 14.71 11.36 -3.32
C LEU A 51 13.81 12.27 -4.15
N GLN A 52 12.66 11.72 -4.54
CA GLN A 52 11.55 12.53 -5.00
C GLN A 52 10.28 12.06 -4.33
N PHE A 53 9.39 13.00 -4.07
CA PHE A 53 8.15 12.73 -3.38
C PHE A 53 6.99 12.97 -4.33
N ARG A 54 6.05 12.03 -4.36
CA ARG A 54 4.89 12.06 -5.25
C ARG A 54 3.62 12.28 -4.44
N PHE A 55 2.74 13.08 -4.99
CA PHE A 55 1.49 13.52 -4.37
C PHE A 55 0.40 13.38 -5.40
N SER A 56 -0.80 12.91 -4.99
CA SER A 56 -1.86 12.60 -5.94
C SER A 56 -3.10 13.45 -5.68
N ASN A 57 -3.67 13.92 -6.77
CA ASN A 57 -4.99 14.53 -6.79
C ASN A 57 -5.92 13.76 -7.73
N ARG A 58 -5.61 12.46 -7.94
CA ARG A 58 -6.22 11.70 -9.04
C ARG A 58 -7.73 11.56 -8.87
N PHE A 59 -8.21 11.57 -7.63
CA PHE A 59 -9.64 11.35 -7.36
C PHE A 59 -10.34 12.61 -6.85
N SER A 60 -9.79 13.77 -7.14
CA SER A 60 -10.35 15.05 -6.72
C SER A 60 -10.75 15.85 -7.95
N LYS A 61 -11.91 16.52 -7.86
CA LYS A 61 -12.48 17.27 -8.95
C LYS A 61 -12.22 18.76 -8.86
N SER A 62 -11.50 19.20 -7.84
CA SER A 62 -11.05 20.57 -7.66
C SER A 62 -9.53 20.58 -7.54
N PRO A 63 -8.87 21.71 -7.85
CA PRO A 63 -7.43 21.79 -7.59
C PRO A 63 -7.12 21.78 -6.10
N VAL A 64 -5.93 21.34 -5.75
CA VAL A 64 -5.48 21.30 -4.35
C VAL A 64 -4.14 21.99 -4.26
N THR A 65 -4.02 22.98 -3.36
CA THR A 65 -2.79 23.76 -3.21
C THR A 65 -2.06 23.32 -1.96
N MSE A 66 -0.77 23.01 -2.06
CA MSE A 66 0.13 22.72 -0.93
C MSE A 66 0.98 24.00 -0.90
O MSE A 66 1.77 24.27 -1.83
CB MSE A 66 0.97 21.55 -1.35
CG MSE A 66 0.14 20.29 -1.70
SE MSE A 66 1.08 18.61 -1.33
CE MSE A 66 1.99 18.74 -3.02
N LYS A 67 0.83 24.81 0.15
CA LYS A 67 1.64 26.01 0.34
C LYS A 67 3.11 25.66 0.62
N THR A 68 3.33 24.64 1.45
CA THR A 68 4.68 24.15 1.72
C THR A 68 4.62 22.66 2.02
N VAL A 69 5.72 21.98 1.77
CA VAL A 69 5.90 20.60 2.18
C VAL A 69 7.29 20.47 2.75
N HIS A 70 7.39 19.90 3.95
CA HIS A 70 8.67 19.61 4.58
C HIS A 70 8.77 18.13 4.88
N ILE A 71 10.00 17.63 4.91
CA ILE A 71 10.30 16.26 5.28
C ILE A 71 11.29 16.26 6.44
N ALA A 72 11.22 15.24 7.27
CA ALA A 72 12.10 15.16 8.43
C ALA A 72 12.10 13.73 8.92
N VAL A 73 13.06 13.38 9.75
CA VAL A 73 13.03 12.07 10.42
C VAL A 73 11.99 12.11 11.53
N SER A 74 11.07 11.14 11.51
CA SER A 74 10.09 11.03 12.59
C SER A 74 10.74 10.40 13.82
N LYS A 75 10.40 10.91 15.01
CA LYS A 75 10.88 10.33 16.26
C LYS A 75 9.82 9.51 16.97
N GLY A 76 8.76 9.16 16.28
CA GLY A 76 7.67 8.51 16.98
C GLY A 76 6.57 9.52 17.25
N GLY A 77 5.34 9.06 17.16
CA GLY A 77 4.22 9.95 17.34
C GLY A 77 4.27 11.07 16.33
N SER A 78 4.05 12.28 16.83
CA SER A 78 4.01 13.45 15.97
C SER A 78 5.32 14.21 16.00
N GLU A 79 6.30 13.72 16.75
CA GLU A 79 7.58 14.43 16.88
C GLU A 79 8.59 14.15 15.76
N ILE A 80 9.42 15.15 15.48
CA ILE A 80 10.46 15.01 14.46
C ILE A 80 11.80 15.36 15.07
N GLU A 81 12.85 14.97 14.35
CA GLU A 81 14.19 15.44 14.68
C GLU A 81 14.39 16.76 13.92
N PRO A 82 14.29 17.92 14.57
CA PRO A 82 14.19 19.17 13.79
C PRO A 82 15.43 19.48 12.97
N SER A 83 16.61 19.03 13.39
CA SER A 83 17.80 19.31 12.58
C SER A 83 17.78 18.57 11.24
N THR A 84 16.82 17.68 11.04
CA THR A 84 16.76 16.93 9.78
C THR A 84 15.77 17.53 8.80
N SER A 85 15.04 18.56 9.19
CA SER A 85 13.95 19.03 8.37
C SER A 85 14.46 19.73 7.11
N LYS A 86 13.80 19.46 5.97
CA LYS A 86 14.10 20.14 4.70
C LYS A 86 12.81 20.47 3.98
N GLU A 87 12.78 21.55 3.21
CA GLU A 87 11.63 21.94 2.42
C GLU A 87 11.72 21.32 1.03
N LEU A 88 10.61 20.79 0.54
CA LEU A 88 10.55 20.35 -0.84
C LEU A 88 10.28 21.54 -1.75
N THR A 89 10.64 21.41 -3.02
CA THR A 89 10.27 22.41 -3.99
C THR A 89 9.69 21.72 -5.22
N PHE A 90 9.00 22.53 -6.01
CA PHE A 90 8.27 22.10 -7.18
C PHE A 90 8.58 23.17 -8.22
N ASN A 91 9.45 22.84 -9.18
CA ASN A 91 10.03 23.84 -10.05
C ASN A 91 10.63 25.00 -9.28
N GLY A 92 11.35 24.66 -8.22
CA GLY A 92 12.03 25.67 -7.45
C GLY A 92 11.18 26.37 -6.41
N GLN A 93 9.81 26.25 -6.48
CA GLN A 93 8.96 27.00 -5.58
C GLN A 93 8.44 26.10 -4.48
N PRO A 94 8.19 26.65 -3.28
CA PRO A 94 7.76 25.80 -2.17
C PRO A 94 6.31 25.37 -2.34
N ASP A 95 5.54 26.19 -3.06
CA ASP A 95 4.11 25.97 -3.20
C ASP A 95 3.79 25.38 -4.56
N VAL A 96 2.75 24.54 -4.60
CA VAL A 96 2.31 23.93 -5.86
C VAL A 96 0.80 23.68 -5.75
N THR A 97 0.14 23.81 -6.89
CA THR A 97 -1.26 23.46 -7.00
C THR A 97 -1.38 22.27 -7.95
N MSE A 98 -1.96 21.18 -7.45
CA MSE A 98 -2.34 20.07 -8.30
C MSE A 98 -3.64 20.28 -9.04
O MSE A 98 -4.64 20.68 -8.42
CB MSE A 98 -2.37 18.71 -7.57
CG MSE A 98 -1.13 18.38 -6.68
SE MSE A 98 -1.40 16.95 -5.44
CE MSE A 98 -1.89 18.08 -3.96
N GLU A 99 -3.64 19.91 -10.32
CA GLU A 99 -4.82 20.04 -11.16
C GLU A 99 -5.83 18.92 -10.81
N PRO A 100 -7.12 19.12 -11.05
CA PRO A 100 -8.09 18.03 -10.84
C PRO A 100 -7.66 16.76 -11.56
N GLY A 101 -7.62 15.65 -10.83
CA GLY A 101 -7.32 14.38 -11.45
C GLY A 101 -5.85 14.11 -11.70
N LYS A 102 -4.96 15.00 -11.28
CA LYS A 102 -3.54 14.89 -11.65
C LYS A 102 -2.67 14.67 -10.40
N ALA A 103 -1.41 14.38 -10.64
CA ALA A 103 -0.44 14.20 -9.56
C ALA A 103 0.65 15.25 -9.72
N VAL A 104 1.51 15.41 -8.71
CA VAL A 104 2.72 16.18 -8.87
C VAL A 104 3.87 15.43 -8.21
N ILE A 105 5.08 15.70 -8.71
CA ILE A 105 6.31 15.11 -8.21
C ILE A 105 7.24 16.25 -7.83
N SER A 106 7.81 16.16 -6.62
CA SER A 106 8.73 17.19 -6.20
C SER A 106 10.02 17.19 -7.03
N ASP A 107 10.71 18.33 -6.99
CA ASP A 107 12.09 18.40 -7.41
C ASP A 107 12.89 17.36 -6.61
N PRO A 108 14.00 16.87 -7.17
CA PRO A 108 14.80 15.90 -6.43
C PRO A 108 15.42 16.61 -5.23
N ILE A 109 15.58 15.89 -4.13
CA ILE A 109 16.12 16.46 -2.89
C ILE A 109 17.09 15.48 -2.22
N SER A 110 18.19 15.99 -1.69
CA SER A 110 19.12 15.17 -0.94
CA SER A 110 19.12 15.19 -0.94
C SER A 110 18.57 14.98 0.47
N PHE A 111 18.62 13.74 0.96
CA PHE A 111 18.13 13.40 2.28
C PHE A 111 18.83 12.10 2.67
N ASN A 112 19.25 11.98 3.92
CA ASN A 112 19.87 10.75 4.44
C ASN A 112 18.76 9.77 4.74
N LEU A 113 18.33 8.99 3.73
CA LEU A 113 17.23 8.07 3.92
C LEU A 113 17.81 6.71 4.27
N LYS A 114 17.57 6.23 5.51
CA LYS A 114 18.07 4.92 5.91
C LYS A 114 17.01 3.84 5.68
N PRO A 115 17.42 2.59 5.56
CA PRO A 115 16.44 1.53 5.38
C PRO A 115 15.46 1.55 6.55
N ARG A 116 14.17 1.35 6.26
CA ARG A 116 13.08 1.31 7.24
C ARG A 116 12.95 2.62 8.03
N MSE A 117 13.50 3.73 7.54
CA MSE A 117 13.34 4.97 8.27
C MSE A 117 11.91 5.43 8.25
O MSE A 117 11.18 5.26 7.29
CB MSE A 117 14.23 6.02 7.59
CG MSE A 117 14.16 7.46 8.19
SE MSE A 117 15.47 8.60 7.41
CE MSE A 117 16.83 8.44 8.77
N LEU A 118 11.49 6.02 9.38
CA LEU A 118 10.21 6.70 9.52
C LEU A 118 10.38 8.15 9.11
N VAL A 119 9.71 8.55 8.07
CA VAL A 119 9.80 9.89 7.51
C VAL A 119 8.49 10.62 7.79
N ALA A 120 8.61 11.80 8.38
CA ALA A 120 7.48 12.71 8.62
C ALA A 120 7.40 13.64 7.43
N ILE A 121 6.25 13.68 6.77
CA ILE A 121 5.96 14.59 5.67
C ILE A 121 4.92 15.58 6.22
N THR A 122 5.25 16.87 6.24
CA THR A 122 4.37 17.90 6.83
C THR A 122 3.93 18.80 5.70
N ILE A 123 2.63 18.85 5.41
CA ILE A 123 2.09 19.68 4.34
C ILE A 123 1.24 20.79 4.93
N SER A 124 1.49 22.01 4.55
CA SER A 124 0.60 23.11 4.85
CA SER A 124 0.55 23.07 4.88
C SER A 124 -0.25 23.36 3.62
N PHE A 125 -1.59 23.22 3.75
CA PHE A 125 -2.48 23.38 2.60
C PHE A 125 -3.05 24.78 2.48
N GLY A 126 -3.36 25.18 1.24
CA GLY A 126 -4.24 26.30 1.00
C GLY A 126 -5.63 25.76 0.72
N GLU A 127 -6.23 26.12 -0.42
CA GLU A 127 -7.50 25.52 -0.81
C GLU A 127 -7.35 24.04 -1.15
N THR A 128 -8.33 23.24 -0.74
CA THR A 128 -8.31 21.80 -1.02
C THR A 128 -9.64 21.40 -1.65
N SER A 129 -9.78 20.11 -1.97
CA SER A 129 -10.94 19.58 -2.65
C SER A 129 -11.79 18.78 -1.66
N PRO A 130 -13.08 19.04 -1.53
CA PRO A 130 -13.87 18.23 -0.60
C PRO A 130 -13.93 16.76 -0.98
N ASP A 131 -13.82 16.44 -2.27
CA ASP A 131 -13.54 15.06 -2.65
C ASP A 131 -12.03 14.85 -2.57
N VAL A 132 -11.60 14.18 -1.55
CA VAL A 132 -10.19 14.10 -1.19
C VAL A 132 -9.59 12.85 -1.79
N THR A 133 -8.38 12.98 -2.32
CA THR A 133 -7.59 11.82 -2.76
C THR A 133 -6.74 11.37 -1.58
N GLY A 134 -6.81 10.09 -1.22
CA GLY A 134 -6.05 9.61 -0.10
C GLY A 134 -6.11 8.11 0.00
N HIS A 135 -5.66 7.64 1.16
CA HIS A 135 -5.54 6.21 1.46
C HIS A 135 -6.05 6.01 2.89
N PRO A 136 -7.32 5.63 3.05
CA PRO A 136 -7.87 5.49 4.40
C PRO A 136 -7.15 4.47 5.25
N GLY A 137 -6.69 3.37 4.67
CA GLY A 137 -6.11 2.31 5.48
C GLY A 137 -4.63 2.51 5.75
N SER A 138 -4.27 3.66 6.33
CA SER A 138 -2.86 3.96 6.57
C SER A 138 -2.24 3.06 7.64
N ARG A 139 -3.04 2.55 8.60
CA ARG A 139 -2.51 1.85 9.76
C ARG A 139 -1.51 2.74 10.52
N THR A 140 -1.65 4.06 10.38
CA THR A 140 -0.67 5.00 10.91
C THR A 140 -1.41 6.28 11.23
N THR A 141 -1.12 6.85 12.39
CA THR A 141 -1.77 8.11 12.80
C THR A 141 -1.12 9.29 12.10
N SER A 142 -1.97 10.17 11.60
CA SER A 142 -1.59 11.48 11.07
C SER A 142 -2.13 12.56 11.99
N TYR A 143 -1.58 13.76 11.86
CA TYR A 143 -1.76 14.82 12.86
C TYR A 143 -2.13 16.12 12.16
N LEU A 144 -3.22 16.75 12.57
CA LEU A 144 -3.75 17.93 11.89
C LEU A 144 -3.84 19.11 12.83
N LEU A 145 -3.37 20.27 12.38
CA LEU A 145 -3.50 21.53 13.12
C LEU A 145 -4.05 22.60 12.18
N ALA A 146 -4.96 23.44 12.65
CA ALA A 146 -5.39 24.57 11.83
C ALA A 146 -4.21 25.51 11.62
N GLY A 147 -4.23 26.24 10.51
CA GLY A 147 -3.23 27.27 10.26
C GLY A 147 -2.03 26.69 9.55
N ASP A 148 -1.01 27.55 9.44
CA ASP A 148 0.25 27.22 8.77
C ASP A 148 1.28 26.89 9.85
N GLN A 149 1.50 25.61 10.10
CA GLN A 149 2.40 25.20 11.17
C GLN A 149 3.57 24.45 10.53
N SER A 150 4.26 25.09 9.59
CA SER A 150 5.32 24.42 8.84
C SER A 150 6.71 24.59 9.44
N SER A 151 6.87 25.34 10.53
CA SER A 151 8.19 25.46 11.17
C SER A 151 8.64 24.10 11.71
N PRO A 152 9.92 23.75 11.60
CA PRO A 152 10.36 22.47 12.17
C PRO A 152 10.19 22.40 13.67
N ASP A 153 10.04 23.55 14.34
CA ASP A 153 9.80 23.55 15.77
C ASP A 153 8.33 23.65 16.15
N ALA A 154 7.42 23.52 15.20
CA ALA A 154 6.00 23.55 15.53
C ALA A 154 5.64 22.40 16.45
N ASP A 155 4.84 22.70 17.46
CA ASP A 155 4.37 21.72 18.45
C ASP A 155 3.11 21.04 17.91
N PHE A 156 3.23 19.74 17.61
CA PHE A 156 2.10 18.92 17.20
C PHE A 156 1.62 18.00 18.32
N SER A 157 2.16 18.16 19.53
CA SER A 157 1.80 17.26 20.62
C SER A 157 0.30 17.28 20.93
N GLN A 158 -0.39 18.34 20.51
CA GLN A 158 -1.82 18.46 20.74
C GLN A 158 -2.64 18.50 19.45
N ALA A 159 -2.06 18.04 18.35
CA ALA A 159 -2.76 18.02 17.07
C ALA A 159 -3.89 16.99 17.04
N VAL A 160 -4.88 17.25 16.19
CA VAL A 160 -5.97 16.30 15.99
C VAL A 160 -5.46 15.05 15.30
N LYS A 161 -5.72 13.88 15.85
CA LYS A 161 -5.24 12.64 15.30
C LYS A 161 -6.24 12.04 14.32
N THR A 162 -5.73 11.43 13.24
CA THR A 162 -6.60 10.75 12.30
C THR A 162 -5.81 9.59 11.70
N ASP A 163 -6.39 8.38 11.76
CA ASP A 163 -5.65 7.19 11.32
C ASP A 163 -5.89 6.94 9.83
N HIS A 164 -5.51 7.89 9.01
CA HIS A 164 -5.68 7.84 7.57
C HIS A 164 -4.56 8.63 6.93
N TRP A 165 -4.23 8.33 5.67
CA TRP A 165 -3.32 9.17 4.88
C TRP A 165 -4.10 9.92 3.82
N TYR A 166 -3.64 11.10 3.49
CA TYR A 166 -4.26 11.92 2.46
C TYR A 166 -3.16 12.46 1.56
N VAL A 167 -3.41 12.50 0.27
CA VAL A 167 -2.58 13.19 -0.74
C VAL A 167 -1.27 12.47 -1.06
N ILE A 168 -0.47 12.14 -0.04
CA ILE A 168 0.83 11.51 -0.31
C ILE A 168 0.66 10.22 -1.08
N ASN A 169 1.60 9.94 -1.99
CA ASN A 169 1.45 8.82 -2.91
C ASN A 169 2.71 7.97 -3.02
N GLY A 170 3.92 8.55 -3.01
CA GLY A 170 5.11 7.70 -3.08
C GLY A 170 6.38 8.46 -2.79
N ILE A 171 7.44 7.69 -2.53
CA ILE A 171 8.81 8.21 -2.43
C ILE A 171 9.65 7.30 -3.32
N ASP A 172 10.42 7.89 -4.22
CA ASP A 172 11.39 7.15 -5.03
C ASP A 172 12.77 7.69 -4.76
N LEU A 173 13.77 6.88 -5.03
CA LEU A 173 15.14 7.32 -4.78
C LEU A 173 16.03 6.90 -5.93
N MSE A 174 17.17 7.56 -6.05
CA MSE A 174 18.04 7.27 -7.18
C MSE A 174 18.89 6.08 -6.81
O MSE A 174 19.51 6.05 -5.73
CB MSE A 174 18.96 8.48 -7.35
CG MSE A 174 18.21 9.57 -8.12
SE MSE A 174 17.62 9.22 -9.94
CE MSE A 174 19.14 9.78 -10.90
N ALA A 175 18.99 5.08 -7.67
CA ALA A 175 19.82 3.94 -7.31
C ALA A 175 20.47 3.32 -8.53
N GLN A 176 21.46 2.48 -8.24
CA GLN A 176 22.18 1.80 -9.30
C GLN A 176 21.37 0.63 -9.86
N LYS A 177 21.97 -0.07 -10.82
CA LYS A 177 21.29 -1.14 -11.53
C LYS A 177 20.84 -2.27 -10.61
N ARG A 178 21.58 -2.51 -9.52
CA ARG A 178 21.27 -3.59 -8.59
C ARG A 178 19.99 -3.36 -7.80
N ALA A 179 19.42 -2.16 -7.82
CA ALA A 179 18.26 -1.84 -7.00
C ALA A 179 16.99 -2.01 -7.81
N ALA A 180 15.95 -2.47 -7.16
CA ALA A 180 14.69 -2.73 -7.85
C ALA A 180 13.65 -2.79 -6.78
N ALA A 181 12.37 -2.90 -7.19
CA ALA A 181 11.26 -2.95 -6.26
C ALA A 181 10.24 -4.03 -6.60
N ILE A 182 9.60 -4.51 -5.57
CA ILE A 182 8.47 -5.45 -5.68
C ILE A 182 7.22 -4.61 -5.49
N ALA A 183 6.25 -4.72 -6.39
CA ALA A 183 4.97 -4.05 -6.20
C ALA A 183 3.94 -5.10 -5.83
N ILE A 184 3.03 -4.76 -4.92
CA ILE A 184 2.12 -5.73 -4.36
C ILE A 184 0.70 -5.22 -4.51
N LEU A 185 -0.16 -6.00 -5.15
CA LEU A 185 -1.57 -5.64 -5.36
C LEU A 185 -2.44 -6.49 -4.45
N GLY A 186 -3.24 -5.85 -3.61
CA GLY A 186 -4.09 -6.58 -2.68
C GLY A 186 -5.16 -5.74 -2.03
N ASN A 187 -5.81 -6.37 -1.05
CA ASN A 187 -6.98 -5.78 -0.36
C ASN A 187 -6.57 -5.50 1.10
N SER A 188 -7.52 -5.58 2.04
CA SER A 188 -7.20 -5.28 3.44
C SER A 188 -6.19 -6.23 4.03
N ILE A 189 -6.10 -7.46 3.52
CA ILE A 189 -5.13 -8.41 4.06
C ILE A 189 -3.73 -7.97 3.69
N THR A 190 -3.58 -7.17 2.65
CA THR A 190 -2.27 -6.63 2.30
C THR A 190 -2.07 -5.21 2.81
N ASP A 191 -3.10 -4.35 2.73
CA ASP A 191 -3.09 -3.01 3.31
C ASP A 191 -2.87 -3.01 4.81
N GLY A 192 -3.26 -4.06 5.51
CA GLY A 192 -2.87 -4.28 6.88
C GLY A 192 -3.95 -4.19 7.93
N ARG A 193 -5.21 -4.51 7.63
CA ARG A 193 -6.20 -4.61 8.70
CA ARG A 193 -6.20 -4.61 8.70
C ARG A 193 -5.77 -5.74 9.63
N GLY A 194 -5.73 -5.47 10.94
CA GLY A 194 -5.22 -6.42 11.90
C GLY A 194 -3.77 -6.21 12.29
N SER A 195 -3.03 -5.39 11.54
CA SER A 195 -1.66 -5.04 11.90
C SER A 195 -1.72 -3.92 12.95
N GLY A 196 -0.60 -3.66 13.64
CA GLY A 196 -0.63 -2.68 14.72
C GLY A 196 -0.55 -1.26 14.18
N THR A 197 -1.42 -0.40 14.67
CA THR A 197 -1.35 1.01 14.27
C THR A 197 -0.04 1.62 14.77
N ASN A 198 0.66 2.28 13.83
CA ASN A 198 1.96 2.89 14.06
C ASN A 198 3.05 1.85 14.28
N LYS A 199 2.79 0.59 14.02
CA LYS A 199 3.81 -0.45 14.18
C LYS A 199 4.47 -0.85 12.86
N GLN A 200 3.92 -0.39 11.73
CA GLN A 200 4.45 -0.65 10.39
C GLN A 200 4.79 -2.13 10.22
N ASP A 201 3.76 -2.96 10.43
CA ASP A 201 3.97 -4.40 10.48
C ASP A 201 2.93 -5.18 9.68
N ARG A 202 2.53 -4.57 8.57
CA ARG A 202 1.77 -5.26 7.54
C ARG A 202 2.65 -6.37 6.93
N TRP A 203 2.05 -7.35 6.25
CA TRP A 203 2.92 -8.40 5.69
C TRP A 203 3.96 -7.85 4.72
N PRO A 204 3.68 -6.84 3.90
CA PRO A 204 4.75 -6.32 3.05
C PRO A 204 5.88 -5.65 3.83
N ASP A 205 5.58 -5.06 5.00
CA ASP A 205 6.66 -4.55 5.85
C ASP A 205 7.50 -5.68 6.38
N GLU A 206 6.86 -6.79 6.76
CA GLU A 206 7.64 -7.91 7.24
C GLU A 206 8.50 -8.50 6.13
N LEU A 207 8.00 -8.49 4.89
CA LEU A 207 8.82 -8.92 3.77
C LEU A 207 10.00 -7.96 3.57
N ALA A 208 9.73 -6.65 3.64
CA ALA A 208 10.82 -5.68 3.50
C ALA A 208 11.93 -5.95 4.51
N LEU A 209 11.55 -6.20 5.77
CA LEU A 209 12.53 -6.52 6.81
C LEU A 209 13.38 -7.73 6.44
N ARG A 210 12.74 -8.80 5.94
CA ARG A 210 13.48 -10.01 5.54
C ARG A 210 14.43 -9.70 4.38
N LEU A 211 13.95 -8.92 3.40
CA LEU A 211 14.83 -8.59 2.26
C LEU A 211 16.05 -7.79 2.72
N LEU A 212 15.85 -6.85 3.65
CA LEU A 212 16.93 -5.95 4.04
C LEU A 212 18.00 -6.67 4.86
N LYS A 213 17.61 -7.71 5.55
CA LYS A 213 18.49 -8.49 6.40
C LYS A 213 19.30 -9.52 5.60
N ASN A 214 18.85 -9.87 4.42
CA ASN A 214 19.47 -10.87 3.54
C ASN A 214 20.37 -10.12 2.57
N LYS A 215 21.66 -10.24 2.78
CA LYS A 215 22.59 -9.50 1.96
C LYS A 215 22.35 -9.48 0.43
N ARG A 216 21.93 -10.59 -0.14
CA ARG A 216 21.68 -10.60 -1.58
C ARG A 216 20.53 -9.69 -1.99
N THR A 217 19.54 -9.50 -1.12
CA THR A 217 18.32 -8.77 -1.47
C THR A 217 18.26 -7.39 -0.82
N ARG A 218 19.38 -6.91 -0.30
CA ARG A 218 19.40 -5.67 0.45
C ARG A 218 19.02 -4.41 -0.34
N ASP A 219 19.08 -4.46 -1.64
CA ASP A 219 18.69 -3.30 -2.45
C ASP A 219 17.33 -3.46 -3.09
N ILE A 220 16.50 -4.32 -2.55
CA ILE A 220 15.18 -4.56 -3.12
CA ILE A 220 15.17 -4.56 -3.12
C ILE A 220 14.13 -3.86 -2.25
N GLY A 221 13.38 -2.95 -2.85
CA GLY A 221 12.35 -2.22 -2.12
C GLY A 221 10.98 -2.85 -2.27
N VAL A 222 10.02 -2.36 -1.50
CA VAL A 222 8.69 -2.95 -1.41
C VAL A 222 7.66 -1.84 -1.52
N LEU A 223 6.74 -1.97 -2.48
CA LEU A 223 5.68 -0.99 -2.75
C LEU A 223 4.36 -1.67 -2.45
N ASN A 224 3.75 -1.30 -1.33
CA ASN A 224 2.50 -1.93 -0.89
C ASN A 224 1.34 -1.16 -1.50
N MSE A 225 0.74 -1.76 -2.54
CA MSE A 225 -0.41 -1.14 -3.22
C MSE A 225 -1.69 -1.80 -2.79
O MSE A 225 -2.67 -1.87 -3.57
CB MSE A 225 -0.26 -1.16 -4.73
CG MSE A 225 1.04 -0.43 -5.18
SE MSE A 225 1.31 1.39 -4.30
CE MSE A 225 0.30 2.38 -5.50
N GLY A 226 -1.74 -2.33 -1.58
CA GLY A 226 -3.02 -2.82 -1.06
C GLY A 226 -4.01 -1.69 -0.85
N ILE A 227 -5.30 -2.01 -0.99
CA ILE A 227 -6.38 -1.07 -0.67
C ILE A 227 -7.40 -1.82 0.19
N GLY A 228 -7.69 -1.32 1.37
CA GLY A 228 -8.65 -2.00 2.22
C GLY A 228 -10.00 -2.14 1.52
N GLY A 229 -10.58 -3.34 1.57
CA GLY A 229 -11.89 -3.59 0.97
C GLY A 229 -11.88 -3.65 -0.55
N ASN A 230 -10.71 -3.74 -1.19
CA ASN A 230 -10.64 -3.66 -2.64
C ASN A 230 -11.15 -4.92 -3.31
N CYS A 231 -11.70 -4.73 -4.49
CA CYS A 231 -12.07 -5.85 -5.36
C CYS A 231 -11.25 -5.81 -6.63
N VAL A 232 -11.11 -6.98 -7.25
CA VAL A 232 -10.41 -7.08 -8.53
C VAL A 232 -11.30 -6.66 -9.67
N LEU A 233 -12.56 -7.13 -9.67
CA LEU A 233 -13.42 -7.03 -10.85
C LEU A 233 -14.43 -5.90 -10.81
N HIS A 234 -15.16 -5.74 -9.71
CA HIS A 234 -16.31 -4.84 -9.65
CA HIS A 234 -16.21 -4.74 -9.63
C HIS A 234 -16.61 -4.58 -8.18
N GLY A 235 -17.16 -3.39 -7.88
CA GLY A 235 -17.58 -3.12 -6.51
C GLY A 235 -16.41 -2.90 -5.58
N GLY A 236 -16.65 -3.10 -4.29
CA GLY A 236 -15.57 -2.93 -3.34
C GLY A 236 -15.28 -1.48 -3.03
N LEU A 237 -14.20 -1.27 -2.27
CA LEU A 237 -13.76 0.07 -1.87
C LEU A 237 -12.56 0.47 -2.75
N GLY A 238 -12.54 1.75 -3.15
CA GLY A 238 -11.48 2.23 -4.01
C GLY A 238 -11.64 1.71 -5.43
N PRO A 239 -10.84 2.20 -6.36
CA PRO A 239 -10.88 1.69 -7.73
C PRO A 239 -10.48 0.22 -7.75
N THR A 240 -11.12 -0.55 -8.64
CA THR A 240 -10.79 -1.98 -8.66
C THR A 240 -9.33 -2.20 -9.05
N ALA A 241 -8.85 -3.40 -8.72
CA ALA A 241 -7.48 -3.73 -9.10
C ALA A 241 -7.26 -3.62 -10.61
N LEU A 242 -8.23 -4.09 -11.42
CA LEU A 242 -8.05 -3.97 -12.86
C LEU A 242 -7.97 -2.51 -13.28
N SER A 243 -8.80 -1.64 -12.68
CA SER A 243 -8.85 -0.23 -13.07
CA SER A 243 -8.82 -0.25 -13.12
C SER A 243 -7.56 0.49 -12.69
N ARG A 244 -7.00 0.15 -11.54
CA ARG A 244 -5.84 0.87 -11.00
C ARG A 244 -4.52 0.22 -11.39
N PHE A 245 -4.54 -0.87 -12.15
CA PHE A 245 -3.32 -1.65 -12.39
C PHE A 245 -2.23 -0.83 -13.06
N ASN A 246 -2.60 -0.07 -14.08
CA ASN A 246 -1.60 0.72 -14.80
C ASN A 246 -0.95 1.75 -13.88
N ARG A 247 -1.77 2.53 -13.17
CA ARG A 247 -1.24 3.60 -12.32
C ARG A 247 -0.49 3.03 -11.13
N ASP A 248 -1.07 2.07 -10.44
CA ASP A 248 -0.52 1.63 -9.16
C ASP A 248 0.60 0.64 -9.32
N ILE A 249 0.66 -0.09 -10.44
CA ILE A 249 1.69 -1.09 -10.65
C ILE A 249 2.63 -0.73 -11.79
N LEU A 250 2.08 -0.59 -13.01
CA LEU A 250 2.95 -0.48 -14.19
C LEU A 250 3.73 0.82 -14.21
N LYS A 251 3.19 1.87 -13.59
CA LYS A 251 3.86 3.17 -13.61
C LYS A 251 4.82 3.40 -12.45
N GLN A 252 4.98 2.44 -11.54
CA GLN A 252 5.96 2.58 -10.48
C GLN A 252 7.37 2.52 -11.06
N HIS A 253 8.34 3.06 -10.33
CA HIS A 253 9.71 3.12 -10.77
C HIS A 253 10.52 1.94 -10.27
N GLY A 254 11.22 1.29 -11.19
CA GLY A 254 12.14 0.22 -10.87
C GLY A 254 11.51 -1.11 -10.51
N VAL A 255 10.23 -1.32 -10.81
CA VAL A 255 9.56 -2.57 -10.44
C VAL A 255 10.01 -3.71 -11.33
N ARG A 256 10.42 -4.79 -10.71
CA ARG A 256 10.82 -6.00 -11.41
C ARG A 256 9.94 -7.18 -11.10
N TRP A 257 9.17 -7.12 -10.01
CA TRP A 257 8.28 -8.20 -9.62
C TRP A 257 6.98 -7.60 -9.13
N LEU A 258 5.89 -8.34 -9.39
CA LEU A 258 4.55 -8.03 -8.93
C LEU A 258 4.02 -9.24 -8.18
N ILE A 259 3.47 -9.01 -7.00
CA ILE A 259 2.72 -10.05 -6.28
C ILE A 259 1.25 -9.67 -6.41
N ILE A 260 0.44 -10.56 -6.94
CA ILE A 260 -1.03 -10.39 -6.97
C ILE A 260 -1.60 -11.27 -5.87
N PHE A 261 -2.31 -10.67 -4.91
CA PHE A 261 -2.95 -11.43 -3.83
C PHE A 261 -4.27 -10.72 -3.55
N GLU A 262 -5.32 -11.13 -4.26
CA GLU A 262 -6.56 -10.34 -4.20
C GLU A 262 -7.68 -11.14 -4.85
N GLY A 263 -8.90 -10.89 -4.40
CA GLY A 263 -10.10 -11.47 -4.95
C GLY A 263 -11.08 -11.98 -3.91
N VAL A 264 -10.69 -12.09 -2.64
CA VAL A 264 -11.66 -12.57 -1.65
C VAL A 264 -12.88 -11.66 -1.57
N ASN A 265 -12.71 -10.36 -1.75
CA ASN A 265 -13.89 -9.50 -1.65
C ASN A 265 -14.83 -9.71 -2.82
N ASP A 266 -14.28 -9.98 -4.02
CA ASP A 266 -15.15 -10.34 -5.13
C ASP A 266 -15.97 -11.57 -4.80
N ILE A 267 -15.32 -12.60 -4.26
CA ILE A 267 -16.04 -13.83 -3.88
C ILE A 267 -17.03 -13.54 -2.77
N GLY A 268 -16.63 -12.71 -1.81
CA GLY A 268 -17.48 -12.44 -0.66
C GLY A 268 -18.73 -11.66 -1.00
N GLY A 269 -18.72 -10.97 -2.13
CA GLY A 269 -19.89 -10.24 -2.53
C GLY A 269 -20.90 -11.06 -3.28
N THR A 270 -20.71 -12.38 -3.46
CA THR A 270 -21.62 -13.02 -4.41
C THR A 270 -22.83 -13.62 -3.71
N PRO A 271 -24.03 -13.56 -4.30
CA PRO A 271 -25.24 -14.05 -3.61
C PRO A 271 -25.59 -15.51 -3.81
N ASP A 272 -24.94 -16.21 -4.73
CA ASP A 272 -25.29 -17.61 -4.96
C ASP A 272 -24.19 -18.29 -5.76
N LYS A 273 -24.37 -19.59 -5.95
CA LYS A 273 -23.39 -20.40 -6.64
C LYS A 273 -23.07 -19.88 -8.04
N GLU A 274 -24.09 -19.57 -8.82
CA GLU A 274 -23.81 -19.16 -10.19
C GLU A 274 -22.98 -17.88 -10.23
N ALA A 275 -23.30 -16.91 -9.36
CA ALA A 275 -22.51 -15.68 -9.30
C ALA A 275 -21.10 -15.95 -8.81
N ALA A 276 -20.94 -16.84 -7.83
CA ALA A 276 -19.61 -17.14 -7.28
C ALA A 276 -18.74 -17.86 -8.31
N ASP A 277 -19.31 -18.84 -9.01
CA ASP A 277 -18.57 -19.50 -10.07
C ASP A 277 -18.16 -18.51 -11.17
N LYS A 278 -19.05 -17.58 -11.51
CA LYS A 278 -18.69 -16.57 -12.50
C LYS A 278 -17.55 -15.68 -12.02
N VAL A 279 -17.58 -15.26 -10.74
CA VAL A 279 -16.48 -14.47 -10.19
C VAL A 279 -15.18 -15.27 -10.24
N ALA A 280 -15.23 -16.56 -9.90
CA ALA A 280 -13.99 -17.35 -9.95
C ALA A 280 -13.37 -17.31 -11.34
N GLN A 281 -14.19 -17.48 -12.39
CA GLN A 281 -13.64 -17.41 -13.74
C GLN A 281 -13.20 -16.00 -14.09
N GLY A 282 -13.94 -15.00 -13.59
CA GLY A 282 -13.54 -13.62 -13.83
C GLY A 282 -12.20 -13.29 -13.19
N LEU A 283 -11.97 -13.81 -11.99
CA LEU A 283 -10.67 -13.57 -11.33
C LEU A 283 -9.55 -14.23 -12.10
N ILE A 284 -9.76 -15.46 -12.55
CA ILE A 284 -8.76 -16.13 -13.36
C ILE A 284 -8.44 -15.32 -14.62
N ALA A 285 -9.47 -14.85 -15.33
CA ALA A 285 -9.25 -14.03 -16.52
C ALA A 285 -8.50 -12.77 -16.17
N ALA A 286 -8.84 -12.15 -15.03
CA ALA A 286 -8.19 -10.91 -14.62
C ALA A 286 -6.73 -11.16 -14.27
N TYR A 287 -6.44 -12.27 -13.57
CA TYR A 287 -5.04 -12.63 -13.32
C TYR A 287 -4.27 -12.78 -14.62
N ASP A 288 -4.83 -13.51 -15.59
CA ASP A 288 -4.15 -13.67 -16.88
C ASP A 288 -3.92 -12.34 -17.56
N LYS A 289 -4.86 -11.45 -17.53
CA LYS A 289 -4.67 -10.18 -18.13
C LYS A 289 -3.54 -9.38 -17.47
N MSE A 290 -3.43 -9.45 -16.15
CA MSE A 290 -2.52 -8.59 -15.45
C MSE A 290 -1.15 -9.26 -15.61
O MSE A 290 -0.12 -8.57 -15.77
CB MSE A 290 -2.95 -8.61 -13.98
CG MSE A 290 -3.90 -7.50 -13.71
SE MSE A 290 -4.49 -7.19 -11.94
CE MSE A 290 -5.30 -8.86 -11.51
N ILE A 291 -1.09 -10.61 -15.60
CA ILE A 291 0.18 -11.29 -15.84
C ILE A 291 0.75 -10.89 -17.20
N ASP A 292 -0.10 -10.90 -18.22
CA ASP A 292 0.33 -10.57 -19.57
C ASP A 292 0.81 -9.13 -19.67
N GLU A 293 0.09 -8.21 -19.02
CA GLU A 293 0.46 -6.80 -19.13
C GLU A 293 1.77 -6.52 -18.42
N ALA A 294 1.99 -7.17 -17.28
CA ALA A 294 3.25 -7.02 -16.56
C ALA A 294 4.38 -7.68 -17.32
N HIS A 295 4.14 -8.84 -17.92
CA HIS A 295 5.19 -9.49 -18.71
C HIS A 295 5.64 -8.62 -19.86
N ALA A 296 4.70 -7.93 -20.51
CA ALA A 296 5.07 -7.08 -21.63
C ALA A 296 6.00 -5.92 -21.21
N LYS A 297 6.06 -5.63 -19.92
CA LYS A 297 6.94 -4.60 -19.36
C LYS A 297 8.13 -5.21 -18.62
N GLY A 298 8.39 -6.50 -18.81
CA GLY A 298 9.53 -7.18 -18.20
C GLY A 298 9.41 -7.50 -16.72
N ILE A 299 8.20 -7.52 -16.17
CA ILE A 299 7.99 -7.75 -14.74
C ILE A 299 7.55 -9.19 -14.55
N LYS A 300 8.12 -9.87 -13.57
CA LYS A 300 7.78 -11.26 -13.19
C LYS A 300 6.58 -11.17 -12.24
N VAL A 301 5.65 -12.12 -12.31
CA VAL A 301 4.40 -12.05 -11.57
C VAL A 301 4.23 -13.29 -10.71
N TYR A 302 4.04 -13.08 -9.42
CA TYR A 302 3.86 -14.15 -8.46
C TYR A 302 2.45 -14.09 -7.91
N GLY A 303 1.80 -15.24 -7.80
CA GLY A 303 0.41 -15.27 -7.38
C GLY A 303 0.28 -15.80 -5.96
N GLY A 304 -0.46 -15.05 -5.13
CA GLY A 304 -0.76 -15.51 -3.78
C GLY A 304 -2.10 -16.21 -3.72
N THR A 305 -2.13 -17.40 -3.13
CA THR A 305 -3.40 -18.09 -2.95
C THR A 305 -4.27 -17.35 -1.92
N ILE A 306 -5.58 -17.35 -2.17
CA ILE A 306 -6.55 -16.68 -1.33
C ILE A 306 -6.68 -17.44 -0.01
N THR A 307 -6.59 -16.71 1.10
CA THR A 307 -6.54 -17.34 2.40
C THR A 307 -7.95 -17.69 2.88
N PRO A 308 -8.04 -18.53 3.93
CA PRO A 308 -9.33 -19.07 4.35
C PRO A 308 -10.36 -18.02 4.79
N ILE A 309 -11.63 -18.40 4.65
CA ILE A 309 -12.76 -17.56 5.04
C ILE A 309 -13.74 -18.28 5.96
N LYS A 310 -13.59 -19.60 6.19
CA LYS A 310 -14.53 -20.26 7.09
C LYS A 310 -14.47 -19.66 8.50
N LYS A 311 -15.62 -19.55 9.12
CA LYS A 311 -15.87 -18.86 10.39
C LYS A 311 -15.93 -17.35 10.25
N SER A 312 -15.66 -16.79 9.08
CA SER A 312 -15.80 -15.35 8.90
C SER A 312 -17.19 -15.03 8.38
N PHE A 313 -17.52 -13.73 8.43
CA PHE A 313 -18.80 -13.25 7.95
CA PHE A 313 -18.81 -13.27 7.96
C PHE A 313 -19.00 -13.53 6.48
N TYR A 314 -17.94 -13.77 5.74
CA TYR A 314 -18.00 -14.02 4.30
C TYR A 314 -18.35 -15.46 3.97
N TYR A 315 -18.23 -16.39 4.92
CA TYR A 315 -18.31 -17.80 4.57
C TYR A 315 -19.70 -18.19 4.06
N LYS A 316 -19.72 -18.86 2.94
CA LYS A 316 -20.86 -19.61 2.39
C LYS A 316 -20.21 -20.80 1.70
N ASP A 317 -20.94 -21.91 1.64
CA ASP A 317 -20.43 -23.12 1.01
C ASP A 317 -20.10 -22.92 -0.47
N TYR A 318 -20.85 -22.06 -1.14
CA TYR A 318 -20.61 -21.80 -2.57
C TYR A 318 -19.48 -20.79 -2.78
N ARG A 319 -19.22 -19.93 -1.80
CA ARG A 319 -18.08 -19.03 -1.89
C ARG A 319 -16.78 -19.78 -1.65
N GLU A 320 -16.81 -20.75 -0.73
CA GLU A 320 -15.63 -21.60 -0.50
C GLU A 320 -15.29 -22.39 -1.76
N THR A 321 -16.32 -22.88 -2.46
CA THR A 321 -16.08 -23.58 -3.72
C THR A 321 -15.35 -22.68 -4.71
N ALA A 322 -15.82 -21.44 -4.85
CA ALA A 322 -15.15 -20.51 -5.76
C ALA A 322 -13.72 -20.25 -5.32
N ARG A 323 -13.48 -20.10 -4.00
CA ARG A 323 -12.11 -19.90 -3.53
C ARG A 323 -11.21 -21.06 -3.93
N GLN A 324 -11.71 -22.29 -3.80
CA GLN A 324 -10.91 -23.45 -4.20
C GLN A 324 -10.65 -23.48 -5.71
N THR A 325 -11.65 -23.10 -6.51
CA THR A 325 -11.46 -23.01 -7.95
C THR A 325 -10.34 -22.06 -8.29
N VAL A 326 -10.34 -20.88 -7.68
CA VAL A 326 -9.29 -19.90 -7.96
C VAL A 326 -7.94 -20.42 -7.50
N ASN A 327 -7.88 -20.99 -6.29
CA ASN A 327 -6.59 -21.43 -5.75
C ASN A 327 -6.03 -22.59 -6.57
N LYS A 328 -6.89 -23.47 -7.06
CA LYS A 328 -6.39 -24.56 -7.89
C LYS A 328 -5.75 -24.02 -9.16
N TRP A 329 -6.37 -23.00 -9.77
CA TRP A 329 -5.79 -22.40 -10.96
C TRP A 329 -4.46 -21.71 -10.63
N ILE A 330 -4.40 -20.97 -9.52
CA ILE A 330 -3.14 -20.34 -9.13
C ILE A 330 -2.06 -21.41 -8.96
N ARG A 331 -2.39 -22.50 -8.28
CA ARG A 331 -1.38 -23.49 -7.98
C ARG A 331 -0.97 -24.30 -9.20
N THR A 332 -1.89 -24.53 -10.15
CA THR A 332 -1.64 -25.55 -11.18
C THR A 332 -1.65 -25.04 -12.60
N SER A 333 -2.05 -23.80 -12.87
CA SER A 333 -2.13 -23.39 -14.27
C SER A 333 -0.76 -23.17 -14.88
N GLY A 334 0.23 -22.81 -14.06
CA GLY A 334 1.53 -22.46 -14.55
C GLY A 334 1.63 -21.06 -15.13
N HIS A 335 0.56 -20.27 -15.07
CA HIS A 335 0.55 -18.94 -15.68
C HIS A 335 1.27 -17.91 -14.84
N PHE A 336 1.21 -18.05 -13.53
CA PHE A 336 2.07 -17.21 -12.70
C PHE A 336 3.50 -17.73 -12.79
N ASP A 337 4.47 -16.82 -12.64
CA ASP A 337 5.86 -17.24 -12.67
C ASP A 337 6.24 -18.06 -11.43
N ALA A 338 5.54 -17.88 -10.33
CA ALA A 338 5.73 -18.68 -9.14
C ALA A 338 4.52 -18.46 -8.26
N VAL A 339 4.35 -19.34 -7.28
CA VAL A 339 3.20 -19.30 -6.38
C VAL A 339 3.67 -19.02 -4.96
N ILE A 340 3.05 -18.05 -4.31
CA ILE A 340 3.30 -17.75 -2.91
C ILE A 340 2.08 -18.28 -2.18
N ASP A 341 2.22 -19.41 -1.49
CA ASP A 341 1.04 -20.13 -1.01
C ASP A 341 0.67 -19.64 0.39
N PHE A 342 0.09 -18.44 0.41
CA PHE A 342 -0.37 -17.86 1.66
C PHE A 342 -1.46 -18.73 2.31
N ASP A 343 -2.35 -19.34 1.51
CA ASP A 343 -3.36 -20.24 2.07
C ASP A 343 -2.70 -21.35 2.87
N LYS A 344 -1.69 -22.00 2.31
CA LYS A 344 -0.99 -23.07 3.03
C LYS A 344 -0.32 -22.56 4.29
N ALA A 345 0.25 -21.35 4.24
CA ALA A 345 0.91 -20.76 5.40
C ALA A 345 -0.06 -20.40 6.51
N MSE A 346 -1.26 -19.90 6.17
CA MSE A 346 -2.17 -19.34 7.16
C MSE A 346 -3.26 -20.28 7.64
O MSE A 346 -3.93 -19.97 8.63
CB MSE A 346 -2.88 -18.13 6.56
CG MSE A 346 -2.13 -16.81 6.66
SE MSE A 346 -1.55 -16.27 8.46
CE MSE A 346 -3.34 -16.24 9.31
N ARG A 347 -3.47 -21.39 6.96
CA ARG A 347 -4.59 -22.25 7.33
C ARG A 347 -4.26 -23.12 8.53
N ASN A 348 -5.28 -23.42 9.34
CA ASN A 348 -5.10 -24.24 10.52
C ASN A 348 -4.76 -25.65 10.10
N PRO A 349 -3.62 -26.21 10.52
CA PRO A 349 -3.33 -27.62 10.18
C PRO A 349 -4.43 -28.57 10.61
N LYS A 350 -5.14 -28.27 11.70
CA LYS A 350 -6.20 -29.15 12.19
C LYS A 350 -7.56 -28.89 11.56
N ASP A 351 -7.69 -27.80 10.81
CA ASP A 351 -8.95 -27.47 10.13
C ASP A 351 -8.55 -26.56 8.98
N THR A 352 -8.20 -27.17 7.85
CA THR A 352 -7.50 -26.45 6.81
C THR A 352 -8.38 -25.43 6.11
N LEU A 353 -9.68 -25.42 6.37
CA LEU A 353 -10.52 -24.41 5.75
C LEU A 353 -10.64 -23.13 6.58
N THR A 354 -10.07 -23.12 7.72
CA THR A 354 -10.11 -21.92 8.59
CA THR A 354 -10.11 -21.88 8.52
C THR A 354 -8.61 -21.34 8.86
N LEU A 355 -8.55 -20.05 9.15
CA LEU A 355 -7.27 -19.49 9.55
C LEU A 355 -6.79 -20.12 10.86
N ARG A 356 -5.46 -20.16 11.03
CA ARG A 356 -4.89 -20.50 12.32
C ARG A 356 -5.49 -19.59 13.40
N PRO A 357 -6.06 -20.14 14.46
CA PRO A 357 -6.77 -19.26 15.43
C PRO A 357 -5.87 -18.19 16.03
N GLU A 358 -4.63 -18.51 16.37
CA GLU A 358 -3.82 -17.53 17.10
C GLU A 358 -3.23 -16.49 16.16
N ALA A 359 -3.37 -16.65 14.84
CA ALA A 359 -2.78 -15.74 13.87
C ALA A 359 -3.83 -14.88 13.17
N GLN A 360 -4.99 -14.68 13.81
CA GLN A 360 -6.01 -13.83 13.21
C GLN A 360 -6.63 -12.93 14.24
N SER A 361 -7.31 -11.88 13.72
CA SER A 361 -7.69 -10.69 14.45
CA SER A 361 -7.72 -10.67 14.43
C SER A 361 -9.02 -10.84 15.20
N GLY A 362 -9.71 -11.98 15.07
CA GLY A 362 -10.98 -12.27 15.71
C GLY A 362 -12.11 -12.50 14.75
N ASP A 363 -11.95 -12.09 13.50
CA ASP A 363 -12.97 -12.15 12.48
C ASP A 363 -12.77 -13.30 11.50
N TYR A 364 -11.71 -14.08 11.68
CA TYR A 364 -11.43 -15.24 10.84
C TYR A 364 -11.29 -14.86 9.37
N LEU A 365 -10.90 -13.61 9.11
CA LEU A 365 -10.64 -13.14 7.76
C LEU A 365 -9.30 -12.41 7.68
N HIS A 366 -9.08 -11.46 8.60
CA HIS A 366 -7.85 -10.66 8.61
C HIS A 366 -6.87 -11.25 9.59
N PRO A 367 -5.64 -11.53 9.16
CA PRO A 367 -4.60 -11.97 10.10
C PRO A 367 -4.30 -10.87 11.12
N ASN A 368 -3.60 -11.27 12.18
CA ASN A 368 -3.03 -10.35 13.14
C ASN A 368 -1.54 -10.15 12.85
N GLU A 369 -0.81 -9.55 13.79
CA GLU A 369 0.59 -9.22 13.53
C GLU A 369 1.42 -10.49 13.40
N LEU A 370 1.17 -11.48 14.26
CA LEU A 370 1.83 -12.78 14.09
C LEU A 370 1.51 -13.38 12.73
N GLY A 371 0.23 -13.33 12.32
CA GLY A 371 -0.13 -13.86 11.01
C GLY A 371 0.62 -13.20 9.88
N TYR A 372 0.74 -11.87 9.93
CA TYR A 372 1.46 -11.16 8.87
C TYR A 372 2.95 -11.50 8.86
N ARG A 373 3.54 -11.77 10.03
CA ARG A 373 4.91 -12.25 10.06
C ARG A 373 5.03 -13.64 9.46
N ILE A 374 4.08 -14.54 9.77
CA ILE A 374 4.06 -15.89 9.17
C ILE A 374 3.95 -15.80 7.64
N MSE A 375 3.04 -14.97 7.15
CA MSE A 375 2.93 -14.72 5.70
C MSE A 375 4.17 -14.28 5.01
O MSE A 375 4.59 -14.89 4.02
CB MSE A 375 1.76 -13.78 5.34
CG MSE A 375 0.43 -14.37 5.78
SE MSE A 375 -1.04 -13.18 5.46
CE MSE A 375 -0.85 -12.76 3.54
N ALA A 376 4.82 -13.25 5.54
CA ALA A 376 6.07 -12.81 4.95
C ALA A 376 7.14 -13.88 5.06
N GLY A 377 7.14 -14.68 6.14
CA GLY A 377 8.14 -15.71 6.34
C GLY A 377 8.01 -16.86 5.39
N ALA A 378 6.84 -17.00 4.75
CA ALA A 378 6.60 -18.10 3.83
C ALA A 378 7.02 -17.76 2.41
N ILE A 379 7.56 -16.55 2.18
CA ILE A 379 8.00 -16.14 0.85
C ILE A 379 9.46 -16.54 0.64
N ASP A 380 9.71 -17.32 -0.41
CA ASP A 380 11.09 -17.69 -0.76
C ASP A 380 11.80 -16.47 -1.35
N LEU A 381 12.82 -15.95 -0.65
CA LEU A 381 13.47 -14.73 -1.11
C LEU A 381 14.26 -14.95 -2.39
N SER A 382 14.56 -16.20 -2.75
CA SER A 382 15.19 -16.45 -4.04
C SER A 382 14.30 -16.10 -5.23
N LEU A 383 13.02 -15.79 -5.01
CA LEU A 383 12.15 -15.23 -6.03
C LEU A 383 12.54 -13.82 -6.45
N PHE A 384 13.45 -13.17 -5.74
CA PHE A 384 13.85 -11.79 -6.05
C PHE A 384 15.35 -11.76 -6.31
N LYS A 385 15.74 -12.08 -7.53
CA LYS A 385 17.15 -12.10 -7.96
C LYS A 385 17.41 -11.04 -9.01
N GLU A 386 18.54 -10.33 -8.87
CA GLU A 386 18.82 -9.10 -9.62
C GLU A 386 17.70 -8.07 -9.49
O1 XYP B . -16.32 -3.66 5.20
C1 XYP B . -15.19 -3.93 4.46
C2 XYP B . -13.90 -3.60 5.25
C3 XYP B . -12.70 -4.41 4.80
C4 XYP B . -12.98 -5.86 4.45
C5 XYP B . -14.09 -5.96 3.40
O2 XYP B . -13.75 -2.13 5.18
O3 XYP B . -11.75 -4.61 5.90
O4 XYP B . -11.78 -6.61 4.09
O5 XYP B . -15.31 -5.37 4.00
C7 GCV B . -9.07 0.96 4.72
C1 GCV B . -13.45 -1.41 6.38
C2 GCV B . -13.39 0.10 6.28
C3 GCV B . -12.39 0.54 5.27
C4 GCV B . -11.03 0.01 5.63
C5 GCV B . -11.11 -1.49 5.88
C6 GCV B . -9.78 -1.92 6.44
O2 GCV B . -14.68 0.71 6.02
O3 GCV B . -12.26 2.01 5.23
O4 GCV B . -10.20 0.17 4.48
O5 GCV B . -12.12 -1.84 6.90
O6A GCV B . -9.02 -2.51 5.71
O6B GCV B . -9.51 -1.57 7.63
#